data_6G27
#
_entry.id   6G27
#
_cell.length_a   44.466
_cell.length_b   48.116
_cell.length_c   63.494
_cell.angle_alpha   90.000
_cell.angle_beta   90.000
_cell.angle_gamma   90.000
#
_symmetry.space_group_name_H-M   'P 21 21 21'
#
loop_
_entity.id
_entity.type
_entity.pdbx_description
1 polymer 'Histone-lysine N-methyltransferase NSD3'
2 non-polymer 5-methyl-6-phenyl-2-piperidin-4-yl-pyridazin-3-one
3 water water
#
_entity_poly.entity_id   1
_entity_poly.type   'polypeptide(L)'
_entity_poly.pdbx_seq_one_letter_code
;STGVKFQVGDLVWSKVGTYPWWPCMVSSDPQLEVHTKINTRGAREYHVQFFSNQPERAWVHEKRVREYKGHKQYEELLAE
ATKQASNHSEKQKIRKPRPQRERAQWDIGIAHAEKALKMTREERIEQYTFIYIDKQ
;
_entity_poly.pdbx_strand_id   A
#
# COMPACT_ATOMS: atom_id res chain seq x y z
N VAL A 4 -1.13 6.29 -16.18
CA VAL A 4 -0.67 6.41 -14.79
C VAL A 4 -1.80 7.02 -13.93
N LYS A 5 -2.36 6.21 -13.02
CA LYS A 5 -3.49 6.56 -12.14
C LYS A 5 -3.08 7.03 -10.75
N PHE A 6 -1.83 6.73 -10.34
CA PHE A 6 -1.35 7.10 -9.01
C PHE A 6 -0.05 7.86 -9.06
N GLN A 7 0.15 8.72 -8.07
CA GLN A 7 1.36 9.54 -7.97
C GLN A 7 2.00 9.34 -6.59
N VAL A 8 3.24 9.76 -6.44
CA VAL A 8 3.96 9.60 -5.16
C VAL A 8 3.17 10.30 -4.05
N GLY A 9 3.02 9.62 -2.92
CA GLY A 9 2.28 10.14 -1.78
C GLY A 9 0.83 9.70 -1.76
N ASP A 10 0.30 9.13 -2.87
CA ASP A 10 -1.08 8.65 -2.86
C ASP A 10 -1.22 7.46 -1.89
N LEU A 11 -2.36 7.41 -1.17
CA LEU A 11 -2.64 6.28 -0.28
C LEU A 11 -3.42 5.25 -1.07
N VAL A 12 -3.02 3.99 -0.98
CA VAL A 12 -3.66 2.92 -1.73
C VAL A 12 -3.76 1.67 -0.91
N TRP A 13 -4.62 0.76 -1.34
CA TRP A 13 -4.69 -0.58 -0.79
C TRP A 13 -3.93 -1.41 -1.82
N SER A 14 -3.12 -2.37 -1.38
CA SER A 14 -2.42 -3.29 -2.30
C SER A 14 -2.73 -4.72 -1.92
N LYS A 15 -2.99 -5.58 -2.91
CA LYS A 15 -3.24 -7.01 -2.70
C LYS A 15 -2.06 -7.78 -3.28
N VAL A 16 -1.25 -8.39 -2.41
CA VAL A 16 -0.05 -9.10 -2.85
C VAL A 16 0.03 -10.51 -2.29
N GLY A 17 0.22 -11.48 -3.18
CA GLY A 17 0.36 -12.89 -2.82
C GLY A 17 -0.63 -13.41 -1.80
N THR A 18 -0.11 -13.91 -0.68
CA THR A 18 -0.92 -14.50 0.39
C THR A 18 -1.46 -13.48 1.37
N TYR A 19 -1.07 -12.21 1.24
CA TYR A 19 -1.47 -11.16 2.17
C TYR A 19 -2.85 -10.59 1.88
N PRO A 20 -3.56 -10.12 2.91
CA PRO A 20 -4.86 -9.46 2.68
C PRO A 20 -4.64 -8.07 2.09
N TRP A 21 -5.71 -7.43 1.57
CA TRP A 21 -5.62 -6.02 1.08
C TRP A 21 -4.97 -5.22 2.19
N TRP A 22 -3.89 -4.49 1.83
CA TRP A 22 -3.05 -3.84 2.83
C TRP A 22 -2.91 -2.35 2.58
N PRO A 23 -2.90 -1.53 3.63
CA PRO A 23 -2.73 -0.07 3.41
C PRO A 23 -1.29 0.31 3.07
N CYS A 24 -1.14 1.17 2.04
CA CYS A 24 0.19 1.55 1.49
C CYS A 24 0.23 3.02 1.16
N MET A 25 1.44 3.47 0.83
CA MET A 25 1.68 4.80 0.24
C MET A 25 2.50 4.57 -1.03
N VAL A 26 2.07 5.17 -2.16
CA VAL A 26 2.85 5.05 -3.41
C VAL A 26 4.15 5.85 -3.22
N SER A 27 5.27 5.31 -3.72
CA SER A 27 6.57 5.97 -3.55
C SER A 27 7.49 5.64 -4.71
N SER A 28 8.55 6.43 -4.83
CA SER A 28 9.54 6.20 -5.89
C SER A 28 10.47 5.03 -5.49
N ASP A 29 10.73 4.11 -6.44
CA ASP A 29 11.62 2.97 -6.16
C ASP A 29 13.02 3.56 -5.88
N PRO A 30 13.74 3.07 -4.84
CA PRO A 30 15.05 3.65 -4.50
C PRO A 30 16.17 3.51 -5.54
N GLN A 31 16.02 2.57 -6.50
CA GLN A 31 17.01 2.30 -7.56
C GLN A 31 16.58 2.88 -8.89
N LEU A 32 15.33 2.56 -9.33
CA LEU A 32 14.78 3.02 -10.60
C LEU A 32 14.40 4.49 -10.60
N GLU A 33 14.19 5.08 -9.40
CA GLU A 33 13.81 6.49 -9.22
C GLU A 33 12.51 6.87 -9.97
N VAL A 34 11.59 5.89 -10.09
CA VAL A 34 10.25 6.00 -10.67
C VAL A 34 9.25 5.31 -9.71
N HIS A 35 8.00 5.74 -9.72
CA HIS A 35 6.96 5.14 -8.86
C HIS A 35 6.05 4.20 -9.65
N THR A 36 6.22 4.18 -10.97
CA THR A 36 5.42 3.37 -11.87
C THR A 36 6.28 2.89 -13.03
N LYS A 37 5.93 1.73 -13.59
CA LYS A 37 6.67 1.17 -14.73
C LYS A 37 5.85 0.14 -15.46
N ILE A 38 6.34 -0.32 -16.64
CA ILE A 38 5.73 -1.43 -17.35
C ILE A 38 6.64 -2.61 -17.05
N ASN A 39 6.07 -3.73 -16.59
CA ASN A 39 6.85 -4.90 -16.20
C ASN A 39 7.27 -5.74 -17.40
N THR A 40 7.96 -6.87 -17.13
CA THR A 40 8.46 -7.75 -18.19
C THR A 40 7.34 -8.58 -18.87
N ARG A 41 6.08 -8.44 -18.40
CA ARG A 41 4.92 -9.09 -19.04
C ARG A 41 4.09 -8.05 -19.80
N GLY A 42 4.53 -6.78 -19.76
CA GLY A 42 3.89 -5.67 -20.46
C GLY A 42 2.77 -5.00 -19.70
N ALA A 43 2.68 -5.26 -18.38
CA ALA A 43 1.66 -4.70 -17.51
C ALA A 43 2.20 -3.58 -16.64
N ARG A 44 1.37 -2.55 -16.35
CA ARG A 44 1.81 -1.47 -15.47
C ARG A 44 1.83 -1.91 -14.01
N GLU A 45 2.87 -1.46 -13.28
CA GLU A 45 2.96 -1.68 -11.82
C GLU A 45 3.21 -0.35 -11.13
N TYR A 46 2.96 -0.31 -9.81
CA TYR A 46 3.23 0.85 -8.99
C TYR A 46 4.11 0.39 -7.85
N HIS A 47 5.00 1.27 -7.40
CA HIS A 47 5.88 0.99 -6.29
C HIS A 47 5.20 1.52 -5.04
N VAL A 48 5.13 0.66 -4.03
CA VAL A 48 4.44 1.05 -2.79
C VAL A 48 5.25 0.74 -1.57
N GLN A 49 4.98 1.52 -0.51
CA GLN A 49 5.47 1.20 0.82
C GLN A 49 4.26 0.65 1.59
N PHE A 50 4.40 -0.48 2.28
CA PHE A 50 3.31 -0.99 3.11
C PHE A 50 3.37 -0.25 4.44
N PHE A 51 2.21 0.18 5.00
CA PHE A 51 2.23 0.75 6.34
C PHE A 51 2.24 -0.43 7.33
N SER A 52 3.15 -0.35 8.31
CA SER A 52 3.33 -1.37 9.35
C SER A 52 4.48 -0.95 10.24
N ASN A 53 4.80 -1.75 11.27
CA ASN A 53 5.96 -1.49 12.14
C ASN A 53 7.27 -1.76 11.39
N GLN A 54 7.33 -2.85 10.61
CA GLN A 54 8.52 -3.20 9.84
C GLN A 54 8.47 -2.57 8.42
N PRO A 55 9.46 -1.73 7.99
CA PRO A 55 9.36 -1.15 6.64
C PRO A 55 9.41 -2.24 5.58
N GLU A 56 8.49 -2.21 4.62
CA GLU A 56 8.41 -3.19 3.54
C GLU A 56 7.95 -2.44 2.30
N ARG A 57 8.41 -2.85 1.12
CA ARG A 57 8.00 -2.20 -0.12
C ARG A 57 7.80 -3.26 -1.17
N ALA A 58 7.10 -2.91 -2.25
CA ALA A 58 6.93 -3.82 -3.38
C ALA A 58 6.46 -3.11 -4.61
N TRP A 59 6.70 -3.77 -5.76
CA TRP A 59 6.14 -3.38 -7.05
C TRP A 59 4.86 -4.20 -7.12
N VAL A 60 3.73 -3.56 -7.39
CA VAL A 60 2.43 -4.23 -7.43
C VAL A 60 1.72 -3.91 -8.73
N HIS A 61 1.14 -4.94 -9.37
CA HIS A 61 0.37 -4.82 -10.62
C HIS A 61 -0.78 -3.83 -10.39
N GLU A 62 -1.07 -2.97 -11.39
CA GLU A 62 -2.13 -1.97 -11.32
C GLU A 62 -3.49 -2.55 -10.93
N LYS A 63 -3.79 -3.80 -11.36
CA LYS A 63 -5.07 -4.46 -11.05
C LYS A 63 -5.22 -4.79 -9.56
N ARG A 64 -4.10 -4.76 -8.80
CA ARG A 64 -4.10 -5.07 -7.38
C ARG A 64 -3.80 -3.83 -6.51
N VAL A 65 -4.04 -2.64 -7.06
CA VAL A 65 -3.84 -1.36 -6.36
C VAL A 65 -5.16 -0.59 -6.45
N ARG A 66 -5.65 -0.09 -5.31
CA ARG A 66 -6.92 0.65 -5.24
C ARG A 66 -6.75 1.90 -4.41
N GLU A 67 -7.41 3.00 -4.77
CA GLU A 67 -7.33 4.21 -3.93
C GLU A 67 -7.79 3.89 -2.50
N TYR A 68 -7.04 4.37 -1.48
CA TYR A 68 -7.39 4.17 -0.08
C TYR A 68 -8.25 5.35 0.35
N LYS A 69 -9.54 5.11 0.54
CA LYS A 69 -10.45 6.16 1.00
C LYS A 69 -10.70 6.08 2.51
N GLY A 70 -10.43 4.92 3.10
CA GLY A 70 -10.66 4.70 4.52
C GLY A 70 -10.63 3.23 4.89
N HIS A 71 -10.34 2.93 6.16
CA HIS A 71 -10.21 1.54 6.62
C HIS A 71 -11.48 0.70 6.43
N LYS A 72 -12.67 1.34 6.47
CA LYS A 72 -13.93 0.62 6.31
C LYS A 72 -14.16 0.05 4.89
N GLN A 73 -13.32 0.45 3.90
CA GLN A 73 -13.41 -0.07 2.52
C GLN A 73 -13.02 -1.53 2.47
N TYR A 74 -12.30 -2.02 3.50
CA TYR A 74 -11.84 -3.41 3.53
C TYR A 74 -12.94 -4.41 3.18
N GLU A 75 -14.15 -4.25 3.76
CA GLU A 75 -15.30 -5.12 3.46
C GLU A 75 -15.64 -5.17 1.97
N GLU A 76 -15.60 -4.00 1.27
CA GLU A 76 -15.89 -3.87 -0.16
C GLU A 76 -14.83 -4.57 -1.01
N LEU A 77 -13.58 -4.59 -0.53
CA LEU A 77 -12.48 -5.24 -1.23
C LEU A 77 -12.60 -6.77 -1.18
N LEU A 78 -12.92 -7.35 0.01
CA LEU A 78 -13.12 -8.80 0.16
C LEU A 78 -14.21 -9.30 -0.80
N ALA A 79 -15.32 -8.52 -0.90
CA ALA A 79 -16.47 -8.79 -1.76
C ALA A 79 -16.09 -8.92 -3.24
N GLU A 80 -15.02 -8.23 -3.69
CA GLU A 80 -14.53 -8.30 -5.08
C GLU A 80 -13.98 -9.69 -5.38
N LYS A 93 -22.88 -17.58 3.80
CA LYS A 93 -21.63 -16.85 3.59
C LYS A 93 -20.43 -17.60 4.13
N ILE A 94 -19.32 -17.56 3.39
CA ILE A 94 -18.07 -18.19 3.80
C ILE A 94 -17.01 -17.12 3.87
N ARG A 95 -16.36 -17.00 5.04
CA ARG A 95 -15.30 -16.01 5.21
C ARG A 95 -14.05 -16.68 5.75
N LYS A 96 -12.89 -16.15 5.37
CA LYS A 96 -11.60 -16.62 5.86
C LYS A 96 -11.41 -16.06 7.27
N PRO A 97 -10.80 -16.79 8.23
CA PRO A 97 -10.53 -16.18 9.54
C PRO A 97 -9.43 -15.13 9.42
N ARG A 98 -9.29 -14.31 10.44
CA ARG A 98 -8.26 -13.28 10.47
C ARG A 98 -7.18 -13.76 11.45
N PRO A 99 -6.04 -14.34 10.96
CA PRO A 99 -4.98 -14.78 11.89
C PRO A 99 -4.46 -13.60 12.71
N GLN A 100 -4.51 -13.74 14.05
CA GLN A 100 -4.15 -12.75 15.07
C GLN A 100 -2.84 -11.99 14.82
N ARG A 101 -1.73 -12.71 14.52
CA ARG A 101 -0.41 -12.12 14.27
C ARG A 101 -0.46 -11.14 13.10
N GLU A 102 -1.09 -11.55 12.00
CA GLU A 102 -1.24 -10.71 10.81
C GLU A 102 -2.25 -9.58 11.08
N ARG A 103 -3.39 -9.89 11.76
CA ARG A 103 -4.42 -8.92 12.11
C ARG A 103 -3.83 -7.78 12.95
N ALA A 104 -2.97 -8.11 13.94
CA ALA A 104 -2.28 -7.11 14.78
C ALA A 104 -1.40 -6.19 13.93
N GLN A 105 -0.61 -6.76 12.99
CA GLN A 105 0.26 -5.99 12.09
C GLN A 105 -0.56 -5.10 11.13
N TRP A 106 -1.68 -5.64 10.62
CA TRP A 106 -2.59 -4.91 9.72
C TRP A 106 -3.26 -3.75 10.48
N ASP A 107 -3.66 -3.98 11.76
CA ASP A 107 -4.26 -2.91 12.57
C ASP A 107 -3.28 -1.76 12.74
N ILE A 108 -1.99 -2.06 12.97
CA ILE A 108 -0.96 -1.01 13.11
C ILE A 108 -0.86 -0.24 11.78
N GLY A 109 -0.78 -0.96 10.66
CA GLY A 109 -0.72 -0.36 9.34
C GLY A 109 -1.90 0.56 9.09
N ILE A 110 -3.11 0.09 9.41
CA ILE A 110 -4.32 0.90 9.25
C ILE A 110 -4.27 2.17 10.11
N ALA A 111 -3.79 2.05 11.36
CA ALA A 111 -3.66 3.25 12.21
C ALA A 111 -2.76 4.31 11.57
N HIS A 112 -1.63 3.90 10.95
CA HIS A 112 -0.77 4.82 10.23
C HIS A 112 -1.51 5.41 9.01
N ALA A 113 -2.20 4.56 8.22
CA ALA A 113 -2.90 5.05 7.04
C ALA A 113 -4.00 6.05 7.41
N GLU A 114 -4.67 5.81 8.54
CA GLU A 114 -5.72 6.71 9.00
C GLU A 114 -5.15 8.06 9.42
N LYS A 115 -3.92 8.08 9.98
CA LYS A 115 -3.24 9.33 10.32
C LYS A 115 -2.77 10.01 9.02
N ALA A 116 -2.21 9.23 8.06
CA ALA A 116 -1.77 9.74 6.76
C ALA A 116 -2.93 10.36 5.97
N LEU A 117 -4.14 9.80 6.08
CA LEU A 117 -5.34 10.31 5.41
C LEU A 117 -5.64 11.76 5.82
N LYS A 118 -5.27 12.15 7.07
CA LYS A 118 -5.46 13.48 7.66
C LYS A 118 -4.34 14.47 7.30
N MET A 119 -3.35 14.01 6.53
CA MET A 119 -2.23 14.84 6.10
C MET A 119 -2.39 15.22 4.64
N THR A 120 -1.65 16.27 4.24
CA THR A 120 -1.54 16.67 2.84
C THR A 120 -0.57 15.67 2.19
N ARG A 121 -0.56 15.62 0.85
CA ARG A 121 0.36 14.73 0.11
C ARG A 121 1.82 15.04 0.50
N GLU A 122 2.20 16.33 0.57
CA GLU A 122 3.55 16.77 0.95
C GLU A 122 3.90 16.31 2.36
N GLU A 123 2.95 16.44 3.32
CA GLU A 123 3.14 15.98 4.69
C GLU A 123 3.39 14.49 4.76
N ARG A 124 2.60 13.69 4.01
CA ARG A 124 2.73 12.23 4.00
C ARG A 124 4.10 11.86 3.46
N ILE A 125 4.51 12.51 2.36
CA ILE A 125 5.84 12.24 1.76
C ILE A 125 6.95 12.53 2.79
N GLU A 126 6.88 13.69 3.46
CA GLU A 126 7.89 14.02 4.46
C GLU A 126 7.88 13.00 5.63
N GLN A 127 6.67 12.65 6.11
CA GLN A 127 6.47 11.81 7.27
C GLN A 127 6.80 10.35 7.08
N TYR A 128 6.51 9.81 5.89
CA TYR A 128 6.61 8.37 5.70
C TYR A 128 7.61 7.85 4.70
N THR A 129 8.13 8.68 3.77
CA THR A 129 9.04 8.14 2.76
C THR A 129 10.26 7.49 3.39
N PHE A 130 10.45 6.19 3.12
CA PHE A 130 11.59 5.48 3.69
C PHE A 130 12.95 6.03 3.25
N ILE A 131 13.97 5.82 4.11
CA ILE A 131 15.36 6.15 3.88
C ILE A 131 16.01 4.79 3.56
N TYR A 132 16.74 4.74 2.45
CA TYR A 132 17.41 3.53 1.98
C TYR A 132 18.91 3.66 2.17
N ILE A 133 19.54 2.63 2.75
CA ILE A 133 20.99 2.62 3.06
C ILE A 133 21.70 1.43 2.42
N ASP A 134 22.73 1.72 1.61
CA ASP A 134 23.54 0.73 0.90
C ASP A 134 24.48 0.02 1.87
#